data_5E57
#
_entry.id   5E57
#
_cell.length_a   181.850
_cell.length_b   105.790
_cell.length_c   39.570
_cell.angle_alpha   90.000
_cell.angle_beta   94.460
_cell.angle_gamma   90.000
#
_symmetry.space_group_name_H-M   'C 1 2 1'
#
loop_
_entity.id
_entity.type
_entity.pdbx_description
1 polymer 'Transcription regulator AmtR'
2 non-polymer 'ACETATE ION'
3 water water
#
_entity_poly.entity_id   1
_entity_poly.type   'polypeptide(L)'
_entity_poly.pdbx_seq_one_letter_code
;QPRRPGQTAREEILDAAAELFTTHGYGSTSTRRIADEVGVRQASLYHHFATKDDILDALLAGTVDEPLELAHGLLGESGP
AAPRLHALVIYDASQLCAGRWNLGALYLLPELRTDRFAPFRRRRAELRSAYRSLAAAVIAECGGPPEADDLPFRLVESVI
NSRSDDAVVPPEQPWVIGEGALRVLGFDGDFAELAAATASRLGVRPPGRAARHHHHH
;
_entity_poly.pdbx_strand_id   A,B,C
#
loop_
_chem_comp.id
_chem_comp.type
_chem_comp.name
_chem_comp.formula
ACT non-polymer 'ACETATE ION' 'C2 H3 O2 -1'
#
# COMPACT_ATOMS: atom_id res chain seq x y z
N GLN A 7 10.96 -18.72 6.88
CA GLN A 7 9.53 -18.59 6.46
C GLN A 7 8.56 -17.98 7.52
N THR A 8 7.93 -16.85 7.17
CA THR A 8 6.84 -16.24 7.96
C THR A 8 5.62 -17.18 7.90
N ALA A 9 4.72 -17.03 8.87
CA ALA A 9 3.35 -17.57 8.83
C ALA A 9 2.69 -17.43 7.42
N ARG A 10 2.88 -16.27 6.81
CA ARG A 10 2.24 -15.96 5.52
C ARG A 10 2.89 -16.80 4.44
N GLU A 11 4.21 -16.97 4.54
CA GLU A 11 5.00 -17.70 3.53
C GLU A 11 4.74 -19.20 3.57
N GLU A 12 4.43 -19.73 4.75
CA GLU A 12 4.14 -21.14 4.93
C GLU A 12 2.77 -21.48 4.29
N ILE A 13 1.87 -20.54 4.37
CA ILE A 13 0.56 -20.71 3.82
C ILE A 13 0.69 -20.71 2.31
N LEU A 14 1.44 -19.76 1.78
CA LEU A 14 1.61 -19.65 0.32
C LEU A 14 2.28 -20.92 -0.21
N ASP A 15 3.33 -21.40 0.49
CA ASP A 15 4.04 -22.58 0.04
C ASP A 15 3.15 -23.81 0.06
N ALA A 16 2.34 -23.97 1.14
CA ALA A 16 1.46 -25.08 1.27
C ALA A 16 0.36 -25.05 0.18
N ALA A 17 -0.21 -23.87 -0.09
CA ALA A 17 -1.23 -23.72 -1.12
C ALA A 17 -0.65 -23.95 -2.53
N ALA A 18 0.59 -23.50 -2.76
CA ALA A 18 1.17 -23.68 -4.14
C ALA A 18 1.30 -25.18 -4.42
N GLU A 19 1.65 -25.91 -3.40
CA GLU A 19 1.75 -27.35 -3.54
C GLU A 19 0.41 -27.99 -3.92
N LEU A 20 -0.62 -27.70 -3.14
CA LEU A 20 -1.90 -28.34 -3.28
C LEU A 20 -2.54 -27.85 -4.54
N PHE A 21 -2.38 -26.56 -4.84
CA PHE A 21 -3.06 -26.10 -6.06
C PHE A 21 -2.43 -26.72 -7.28
N THR A 22 -1.10 -26.89 -7.28
CA THR A 22 -0.45 -27.40 -8.49
C THR A 22 -0.46 -28.92 -8.57
N THR A 23 -0.59 -29.60 -7.45
CA THR A 23 -0.55 -31.06 -7.51
C THR A 23 -1.87 -31.71 -7.18
N HIS A 24 -2.79 -31.01 -6.52
CA HIS A 24 -4.14 -31.55 -6.31
C HIS A 24 -5.23 -30.76 -7.09
N GLY A 25 -5.19 -29.44 -7.09
CA GLY A 25 -6.14 -28.70 -7.89
C GLY A 25 -6.52 -27.46 -7.13
N TYR A 26 -7.06 -26.47 -7.81
CA TYR A 26 -7.48 -25.26 -7.10
C TYR A 26 -8.86 -25.39 -6.46
N GLY A 27 -9.89 -25.59 -7.28
CA GLY A 27 -11.28 -25.85 -6.83
C GLY A 27 -11.41 -26.94 -5.77
N SER A 28 -10.68 -28.02 -5.97
CA SER A 28 -10.55 -29.13 -5.05
C SER A 28 -9.91 -28.90 -3.74
N THR A 29 -9.10 -27.88 -3.59
CA THR A 29 -8.34 -27.67 -2.32
C THR A 29 -9.08 -26.65 -1.44
N SER A 30 -9.50 -27.06 -0.26
CA SER A 30 -10.20 -26.21 0.68
C SER A 30 -9.21 -25.45 1.52
N THR A 31 -9.68 -24.35 2.13
CA THR A 31 -8.86 -23.64 3.08
C THR A 31 -8.57 -24.52 4.29
N ARG A 32 -9.43 -25.51 4.53
CA ARG A 32 -9.24 -26.41 5.66
C ARG A 32 -8.01 -27.27 5.42
N ARG A 33 -7.89 -27.79 4.19
CA ARG A 33 -6.73 -28.62 3.76
C ARG A 33 -5.44 -27.84 3.87
N ILE A 34 -5.45 -26.61 3.36
CA ILE A 34 -4.27 -25.77 3.45
C ILE A 34 -3.84 -25.55 4.89
N ALA A 35 -4.81 -25.28 5.76
CA ALA A 35 -4.53 -24.99 7.16
C ALA A 35 -3.99 -26.23 7.86
N ASP A 36 -4.63 -27.35 7.59
CA ASP A 36 -4.12 -28.63 8.05
C ASP A 36 -2.70 -28.90 7.55
N GLU A 37 -2.39 -28.58 6.29
CA GLU A 37 -1.05 -28.91 5.75
C GLU A 37 -0.01 -28.09 6.49
N VAL A 38 -0.34 -26.85 6.88
CA VAL A 38 0.61 -26.04 7.60
C VAL A 38 0.54 -26.30 9.12
N GLY A 39 -0.56 -26.82 9.64
CA GLY A 39 -0.65 -27.03 11.10
C GLY A 39 -1.08 -25.81 11.92
N VAL A 40 -2.06 -25.08 11.42
CA VAL A 40 -2.65 -23.95 12.13
C VAL A 40 -4.16 -24.07 12.02
N ARG A 41 -4.86 -23.32 12.85
CA ARG A 41 -6.28 -23.35 12.80
C ARG A 41 -6.74 -22.64 11.51
N GLN A 42 -7.78 -23.17 10.87
CA GLN A 42 -8.34 -22.55 9.68
C GLN A 42 -8.62 -21.03 9.86
N ALA A 43 -9.15 -20.69 11.03
CA ALA A 43 -9.49 -19.31 11.39
C ALA A 43 -8.24 -18.39 11.46
N SER A 44 -7.08 -18.95 11.87
CA SER A 44 -5.84 -18.18 11.91
C SER A 44 -5.43 -17.85 10.48
N LEU A 45 -5.63 -18.79 9.60
CA LEU A 45 -5.27 -18.57 8.19
C LEU A 45 -5.95 -17.32 7.61
N TYR A 46 -7.21 -17.03 8.00
CA TYR A 46 -7.92 -15.92 7.40
C TYR A 46 -7.37 -14.59 7.67
N HIS A 47 -6.51 -14.47 8.68
CA HIS A 47 -5.93 -13.17 9.02
C HIS A 47 -4.67 -12.92 8.23
N HIS A 48 -4.27 -13.92 7.44
CA HIS A 48 -3.26 -13.70 6.39
C HIS A 48 -3.90 -13.58 5.02
N PHE A 49 -4.84 -14.47 4.74
CA PHE A 49 -5.55 -14.48 3.48
C PHE A 49 -7.02 -14.81 3.77
N ALA A 50 -7.88 -13.84 3.52
CA ALA A 50 -9.26 -13.91 3.96
C ALA A 50 -10.03 -14.94 3.11
N THR A 51 -9.58 -15.07 1.87
CA THR A 51 -10.17 -16.04 0.95
C THR A 51 -9.11 -16.80 0.21
N LYS A 52 -9.57 -17.92 -0.35
CA LYS A 52 -8.70 -18.77 -1.13
C LYS A 52 -8.22 -17.97 -2.33
N ASP A 53 -9.14 -17.19 -2.92
CA ASP A 53 -8.82 -16.36 -4.08
C ASP A 53 -7.66 -15.41 -3.78
N ASP A 54 -7.64 -14.85 -2.56
CA ASP A 54 -6.58 -13.95 -2.16
C ASP A 54 -5.27 -14.69 -2.17
N ILE A 55 -5.32 -16.00 -1.86
CA ILE A 55 -4.04 -16.80 -1.82
C ILE A 55 -3.50 -16.97 -3.25
N LEU A 56 -4.40 -17.34 -4.15
CA LEU A 56 -4.10 -17.50 -5.56
C LEU A 56 -3.62 -16.21 -6.18
N ASP A 57 -4.23 -15.10 -5.78
CA ASP A 57 -3.76 -13.79 -6.26
C ASP A 57 -2.31 -13.54 -5.90
N ALA A 58 -1.95 -13.78 -4.64
CA ALA A 58 -0.58 -13.54 -4.25
C ALA A 58 0.39 -14.51 -5.00
N LEU A 59 0.03 -15.78 -5.14
CA LEU A 59 0.86 -16.71 -5.89
C LEU A 59 1.08 -16.29 -7.32
N LEU A 60 0.00 -15.90 -8.02
CA LEU A 60 0.11 -15.49 -9.41
C LEU A 60 0.95 -14.23 -9.60
N ALA A 61 0.71 -13.25 -8.74
CA ALA A 61 1.45 -11.99 -8.82
C ALA A 61 2.98 -12.24 -8.63
N GLY A 62 3.37 -13.13 -7.70
CA GLY A 62 4.81 -13.40 -7.53
C GLY A 62 5.42 -14.04 -8.78
N THR A 63 4.64 -14.54 -9.74
CA THR A 63 5.21 -15.09 -10.96
C THR A 63 5.39 -14.03 -12.05
N VAL A 64 4.84 -12.82 -11.86
CA VAL A 64 4.98 -11.82 -12.91
C VAL A 64 5.53 -10.49 -12.48
N ASP A 65 5.46 -10.15 -11.21
CA ASP A 65 5.83 -8.79 -10.74
C ASP A 65 7.27 -8.46 -11.03
N GLU A 66 8.20 -9.32 -10.69
CA GLU A 66 9.59 -9.00 -10.95
C GLU A 66 9.98 -9.04 -12.40
N PRO A 67 9.49 -10.02 -13.18
CA PRO A 67 9.76 -9.91 -14.62
C PRO A 67 9.19 -8.63 -15.24
N LEU A 68 8.07 -8.17 -14.72
CA LEU A 68 7.47 -6.97 -15.24
C LEU A 68 8.26 -5.73 -14.83
N GLU A 69 8.83 -5.71 -13.63
CA GLU A 69 9.70 -4.61 -13.26
C GLU A 69 10.86 -4.53 -14.22
N LEU A 70 11.49 -5.68 -14.50
CA LEU A 70 12.58 -5.77 -15.48
C LEU A 70 12.19 -5.31 -16.90
N ALA A 71 11.09 -5.83 -17.38
CA ALA A 71 10.62 -5.51 -18.72
C ALA A 71 10.37 -4.03 -18.83
N HIS A 72 9.73 -3.46 -17.81
CA HIS A 72 9.43 -2.01 -17.87
C HIS A 72 10.67 -1.18 -17.95
N GLY A 73 11.68 -1.48 -17.14
CA GLY A 73 12.97 -0.80 -17.22
C GLY A 73 13.69 -0.92 -18.55
N LEU A 74 13.63 -2.10 -19.15
CA LEU A 74 14.27 -2.38 -20.42
C LEU A 74 13.63 -1.57 -21.53
N LEU A 75 12.31 -1.40 -21.47
CA LEU A 75 11.61 -0.60 -22.50
C LEU A 75 12.08 0.87 -22.48
N GLY A 76 12.64 1.29 -21.34
CA GLY A 76 13.05 2.70 -21.13
C GLY A 76 14.48 2.93 -21.59
N GLU A 77 15.15 1.87 -22.01
CA GLU A 77 16.57 1.94 -22.38
C GLU A 77 16.73 2.26 -23.86
N SER A 78 17.90 2.80 -24.19
CA SER A 78 18.26 3.10 -25.59
C SER A 78 19.20 1.97 -25.99
N GLY A 79 19.52 1.83 -27.25
CA GLY A 79 20.44 0.75 -27.60
C GLY A 79 19.74 -0.50 -28.10
N PRO A 80 20.51 -1.45 -28.61
CA PRO A 80 19.95 -2.54 -29.38
C PRO A 80 18.86 -3.34 -28.61
N ALA A 81 17.80 -3.66 -29.31
CA ALA A 81 16.70 -4.43 -28.73
C ALA A 81 17.10 -5.89 -28.39
N ALA A 82 17.89 -6.54 -29.23
CA ALA A 82 18.22 -7.97 -29.04
C ALA A 82 18.81 -8.32 -27.66
N PRO A 83 19.82 -7.55 -27.19
CA PRO A 83 20.34 -7.88 -25.88
C PRO A 83 19.32 -7.63 -24.80
N ARG A 84 18.33 -6.79 -25.09
CA ARG A 84 17.41 -6.40 -24.01
C ARG A 84 16.35 -7.50 -23.80
N LEU A 85 15.80 -7.94 -24.91
CA LEU A 85 14.91 -9.03 -24.96
C LEU A 85 15.58 -10.30 -24.44
N HIS A 86 16.76 -10.58 -24.94
CA HIS A 86 17.54 -11.68 -24.39
C HIS A 86 17.61 -11.68 -22.88
N ALA A 87 17.91 -10.54 -22.28
CA ALA A 87 18.12 -10.48 -20.88
C ALA A 87 16.75 -10.74 -20.19
N LEU A 88 15.66 -10.20 -20.74
CA LEU A 88 14.37 -10.44 -20.12
C LEU A 88 14.04 -11.97 -20.15
N VAL A 89 14.30 -12.61 -21.28
CA VAL A 89 13.95 -14.03 -21.46
C VAL A 89 14.75 -14.85 -20.44
N ILE A 90 16.04 -14.57 -20.28
CA ILE A 90 16.79 -15.39 -19.33
C ILE A 90 16.23 -15.19 -17.94
N TYR A 91 15.98 -13.94 -17.57
CA TYR A 91 15.56 -13.65 -16.23
C TYR A 91 14.26 -14.27 -15.97
N ASP A 92 13.37 -14.13 -16.92
CA ASP A 92 11.98 -14.58 -16.67
C ASP A 92 11.94 -16.12 -16.71
N ALA A 93 12.49 -16.73 -17.76
CA ALA A 93 12.50 -18.20 -17.86
C ALA A 93 13.18 -18.79 -16.60
N SER A 94 14.29 -18.19 -16.20
CA SER A 94 14.91 -18.63 -14.92
C SER A 94 13.99 -18.60 -13.73
N GLN A 95 13.28 -17.49 -13.53
CA GLN A 95 12.35 -17.41 -12.38
C GLN A 95 11.19 -18.46 -12.44
N LEU A 96 10.64 -18.69 -13.62
CA LEU A 96 9.64 -19.75 -13.81
C LEU A 96 10.24 -21.13 -13.57
N CYS A 97 11.52 -21.32 -13.87
CA CYS A 97 12.18 -22.61 -13.57
C CYS A 97 12.52 -22.73 -12.12
N ALA A 98 12.63 -21.62 -11.40
CA ALA A 98 13.22 -21.72 -10.07
C ALA A 98 12.17 -21.97 -9.04
N GLY A 99 10.92 -21.85 -9.40
CA GLY A 99 9.93 -22.09 -8.41
C GLY A 99 10.08 -23.45 -7.70
N ARG A 100 9.85 -23.53 -6.41
CA ARG A 100 9.66 -24.84 -5.82
C ARG A 100 8.45 -25.60 -6.50
N TRP A 101 7.41 -24.87 -6.90
CA TRP A 101 6.19 -25.42 -7.45
C TRP A 101 5.89 -24.76 -8.79
N ASN A 102 5.23 -25.48 -9.67
CA ASN A 102 5.05 -24.98 -11.03
C ASN A 102 3.83 -24.06 -11.15
N LEU A 103 3.92 -22.86 -10.55
CA LEU A 103 2.72 -21.96 -10.42
C LEU A 103 2.19 -21.50 -11.76
N GLY A 104 3.02 -21.42 -12.78
CA GLY A 104 2.53 -20.98 -14.07
C GLY A 104 1.53 -21.94 -14.64
N ALA A 105 1.52 -23.16 -14.12
CA ALA A 105 0.57 -24.13 -14.55
C ALA A 105 -0.82 -23.66 -14.18
N LEU A 106 -0.95 -22.71 -13.26
CA LEU A 106 -2.32 -22.27 -12.86
C LEU A 106 -2.92 -21.19 -13.84
N TYR A 107 -2.13 -20.70 -14.78
CA TYR A 107 -2.57 -19.60 -15.68
C TYR A 107 -3.77 -19.99 -16.48
N LEU A 108 -3.99 -21.28 -16.71
CA LEU A 108 -5.07 -21.73 -17.53
C LEU A 108 -6.37 -22.11 -16.78
N LEU A 109 -6.36 -22.01 -15.48
CA LEU A 109 -7.55 -22.22 -14.68
C LEU A 109 -8.69 -21.34 -15.21
N PRO A 110 -9.86 -21.92 -15.52
CA PRO A 110 -11.02 -21.07 -15.86
C PRO A 110 -11.34 -20.04 -14.77
N GLU A 111 -11.06 -20.32 -13.49
CA GLU A 111 -11.24 -19.28 -12.44
C GLU A 111 -10.57 -17.96 -12.75
N LEU A 112 -9.49 -17.99 -13.53
CA LEU A 112 -8.78 -16.75 -13.87
C LEU A 112 -9.51 -15.86 -14.85
N ARG A 113 -10.58 -16.39 -15.44
CA ARG A 113 -11.36 -15.62 -16.40
C ARG A 113 -12.39 -14.68 -15.73
N THR A 114 -12.62 -14.80 -14.43
CA THR A 114 -13.56 -13.94 -13.70
C THR A 114 -13.06 -12.52 -13.40
N ASP A 115 -14.00 -11.59 -13.23
CA ASP A 115 -13.66 -10.24 -12.78
C ASP A 115 -12.77 -10.24 -11.58
N ARG A 116 -12.89 -11.26 -10.73
CA ARG A 116 -12.04 -11.34 -9.53
C ARG A 116 -10.57 -11.26 -9.89
N PHE A 117 -10.19 -11.87 -11.00
CA PHE A 117 -8.74 -11.91 -11.45
C PHE A 117 -8.38 -11.07 -12.67
N ALA A 118 -9.21 -10.07 -12.96
CA ALA A 118 -8.90 -9.09 -14.01
C ALA A 118 -7.59 -8.40 -13.78
N PRO A 119 -7.30 -8.04 -12.54
CA PRO A 119 -6.07 -7.27 -12.40
C PRO A 119 -4.82 -8.10 -12.76
N PHE A 120 -4.74 -9.32 -12.23
CA PHE A 120 -3.65 -10.20 -12.62
C PHE A 120 -3.62 -10.38 -14.16
N ARG A 121 -4.75 -10.67 -14.78
CA ARG A 121 -4.82 -10.77 -16.26
C ARG A 121 -4.18 -9.60 -16.95
N ARG A 122 -4.52 -8.39 -16.48
CA ARG A 122 -3.99 -7.12 -17.08
C ARG A 122 -2.48 -7.03 -16.86
N ARG A 123 -2.01 -7.46 -15.72
CA ARG A 123 -0.60 -7.43 -15.49
C ARG A 123 0.18 -8.37 -16.42
N ARG A 124 -0.27 -9.61 -16.52
CA ARG A 124 0.39 -10.55 -17.34
C ARG A 124 0.28 -10.07 -18.78
N ALA A 125 -0.89 -9.54 -19.18
CA ALA A 125 -0.99 -8.99 -20.53
C ALA A 125 0.02 -7.82 -20.81
N GLU A 126 0.33 -7.01 -19.82
CA GLU A 126 1.40 -5.97 -19.92
C GLU A 126 2.79 -6.58 -20.07
N LEU A 127 3.01 -7.72 -19.42
CA LEU A 127 4.29 -8.40 -19.61
C LEU A 127 4.39 -8.86 -21.05
N ARG A 128 3.27 -9.46 -21.48
CA ARG A 128 3.18 -9.93 -22.86
C ARG A 128 3.39 -8.82 -23.86
N SER A 129 2.82 -7.66 -23.55
CA SER A 129 2.91 -6.52 -24.43
C SER A 129 4.34 -5.98 -24.42
N ALA A 130 5.03 -6.06 -23.26
CA ALA A 130 6.38 -5.62 -23.24
C ALA A 130 7.24 -6.49 -24.11
N TYR A 131 7.06 -7.80 -24.01
CA TYR A 131 7.81 -8.71 -24.85
C TYR A 131 7.60 -8.43 -26.30
N ARG A 132 6.33 -8.21 -26.68
CA ARG A 132 6.05 -8.05 -28.09
C ARG A 132 6.72 -6.76 -28.66
N SER A 133 6.73 -5.68 -27.85
CA SER A 133 7.44 -4.47 -28.23
C SER A 133 8.89 -4.71 -28.41
N LEU A 134 9.57 -5.32 -27.43
CA LEU A 134 11.00 -5.62 -27.61
C LEU A 134 11.20 -6.51 -28.81
N ALA A 135 10.40 -7.56 -28.92
CA ALA A 135 10.56 -8.47 -30.05
C ALA A 135 10.27 -7.84 -31.44
N ALA A 136 9.29 -6.96 -31.51
CA ALA A 136 8.99 -6.27 -32.78
C ALA A 136 10.21 -5.38 -33.17
N ALA A 137 10.93 -4.85 -32.20
CA ALA A 137 12.13 -4.06 -32.50
C ALA A 137 13.30 -4.99 -32.94
N VAL A 138 13.37 -6.21 -32.41
CA VAL A 138 14.46 -7.11 -32.83
C VAL A 138 14.21 -7.51 -34.27
N ILE A 139 12.95 -7.78 -34.56
CA ILE A 139 12.51 -8.08 -35.89
C ILE A 139 12.90 -6.98 -36.90
N ALA A 140 12.57 -5.72 -36.58
CA ALA A 140 12.88 -4.60 -37.47
C ALA A 140 14.40 -4.52 -37.69
N GLU A 141 15.18 -4.59 -36.62
CA GLU A 141 16.63 -4.52 -36.68
C GLU A 141 17.30 -5.64 -37.48
N CYS A 142 16.68 -6.80 -37.62
CA CYS A 142 17.37 -7.92 -38.28
CA CYS A 142 17.29 -8.01 -38.22
C CYS A 142 16.68 -8.36 -39.55
N GLY A 143 15.58 -7.70 -39.90
CA GLY A 143 14.87 -8.01 -41.10
C GLY A 143 14.20 -9.36 -40.98
N GLY A 144 13.65 -9.68 -39.79
CA GLY A 144 13.04 -11.00 -39.55
C GLY A 144 11.53 -10.98 -39.81
N PRO A 145 10.82 -12.06 -39.41
CA PRO A 145 9.39 -12.19 -39.73
C PRO A 145 8.44 -11.41 -38.84
N PRO A 146 7.77 -10.38 -39.38
CA PRO A 146 6.99 -9.52 -38.51
C PRO A 146 5.97 -10.27 -37.67
N GLU A 147 5.54 -11.43 -38.15
CA GLU A 147 4.48 -12.15 -37.53
C GLU A 147 4.93 -12.91 -36.28
N ALA A 148 6.24 -13.00 -36.02
CA ALA A 148 6.72 -13.82 -34.94
C ALA A 148 6.75 -13.11 -33.60
N ASP A 149 6.27 -11.89 -33.50
CA ASP A 149 6.56 -11.10 -32.34
C ASP A 149 6.00 -11.58 -31.01
N ASP A 150 5.04 -12.49 -30.98
CA ASP A 150 4.53 -13.13 -29.70
C ASP A 150 5.31 -14.36 -29.27
N LEU A 151 6.17 -14.89 -30.16
CA LEU A 151 6.77 -16.16 -29.92
C LEU A 151 7.82 -16.15 -28.80
N PRO A 152 8.52 -15.04 -28.57
CA PRO A 152 9.46 -15.14 -27.43
C PRO A 152 8.76 -15.26 -26.10
N PHE A 153 7.61 -14.58 -26.00
CA PHE A 153 6.75 -14.76 -24.79
C PHE A 153 6.30 -16.19 -24.65
N ARG A 154 5.83 -16.75 -25.71
CA ARG A 154 5.32 -18.13 -25.67
C ARG A 154 6.44 -19.13 -25.35
N LEU A 155 7.65 -18.91 -25.87
CA LEU A 155 8.83 -19.73 -25.54
C LEU A 155 9.20 -19.66 -24.10
N VAL A 156 9.08 -18.48 -23.50
CA VAL A 156 9.36 -18.38 -22.06
C VAL A 156 8.36 -19.12 -21.21
N GLU A 157 7.09 -18.96 -21.55
CA GLU A 157 6.02 -19.65 -20.85
C GLU A 157 6.06 -21.16 -21.08
N SER A 158 6.70 -21.60 -22.15
CA SER A 158 6.81 -23.04 -22.37
C SER A 158 7.58 -23.76 -21.28
N VAL A 159 8.33 -23.04 -20.49
CA VAL A 159 9.06 -23.76 -19.39
C VAL A 159 8.09 -24.42 -18.37
N ILE A 160 6.90 -23.82 -18.27
CA ILE A 160 5.83 -24.31 -17.43
C ILE A 160 5.41 -25.71 -17.91
N ASN A 161 5.23 -25.85 -19.21
CA ASN A 161 4.95 -27.15 -19.80
C ASN A 161 6.12 -28.13 -19.62
N SER A 162 7.37 -27.67 -19.73
CA SER A 162 8.56 -28.54 -19.51
C SER A 162 8.60 -29.08 -18.09
N ARG A 163 8.33 -28.21 -17.11
CA ARG A 163 8.28 -28.62 -15.70
C ARG A 163 7.22 -29.70 -15.40
N SER A 164 6.12 -29.61 -16.13
CA SER A 164 5.04 -30.50 -15.97
C SER A 164 5.42 -31.86 -16.54
N ASP A 165 6.08 -31.86 -17.69
CA ASP A 165 6.48 -33.10 -18.34
C ASP A 165 7.68 -33.77 -17.63
N ASP A 166 8.62 -32.97 -17.13
CA ASP A 166 9.90 -33.45 -16.65
C ASP A 166 10.21 -33.28 -15.17
N ALA A 167 10.83 -34.31 -14.63
CA ALA A 167 11.26 -34.35 -13.25
C ALA A 167 12.39 -33.34 -13.07
N VAL A 168 13.37 -33.45 -13.97
CA VAL A 168 14.57 -32.58 -13.97
C VAL A 168 14.54 -31.67 -15.21
N VAL A 169 14.24 -30.40 -14.96
CA VAL A 169 14.49 -29.39 -15.98
C VAL A 169 15.98 -28.86 -15.83
N PRO A 170 16.83 -29.10 -16.84
CA PRO A 170 18.27 -28.70 -16.77
C PRO A 170 18.49 -27.20 -16.49
N PRO A 171 19.59 -26.85 -15.79
CA PRO A 171 19.77 -25.44 -15.53
C PRO A 171 20.10 -24.68 -16.76
N GLU A 172 20.36 -25.33 -17.88
CA GLU A 172 20.64 -24.57 -19.09
C GLU A 172 19.33 -24.16 -19.75
N GLN A 173 18.21 -24.63 -19.23
CA GLN A 173 16.99 -24.46 -20.02
C GLN A 173 16.66 -22.99 -20.35
N PRO A 174 16.79 -22.09 -19.38
CA PRO A 174 16.55 -20.69 -19.77
C PRO A 174 17.38 -20.22 -20.96
N TRP A 175 18.63 -20.66 -21.05
CA TRP A 175 19.53 -20.22 -22.09
C TRP A 175 19.16 -20.77 -23.40
N VAL A 176 18.60 -21.98 -23.38
CA VAL A 176 18.13 -22.61 -24.60
C VAL A 176 16.95 -21.84 -25.15
N ILE A 177 16.09 -21.44 -24.22
CA ILE A 177 14.95 -20.65 -24.54
C ILE A 177 15.36 -19.26 -25.09
N GLY A 178 16.39 -18.68 -24.49
CA GLY A 178 16.94 -17.43 -24.87
C GLY A 178 17.42 -17.47 -26.30
N GLU A 179 18.16 -18.52 -26.68
CA GLU A 179 18.57 -18.60 -28.07
C GLU A 179 17.38 -18.74 -29.08
N GLY A 180 16.44 -19.63 -28.76
CA GLY A 180 15.27 -19.82 -29.58
C GLY A 180 14.44 -18.59 -29.76
N ALA A 181 14.27 -17.82 -28.69
CA ALA A 181 13.40 -16.67 -28.72
C ALA A 181 13.95 -15.62 -29.64
N LEU A 182 15.27 -15.54 -29.71
CA LEU A 182 15.96 -14.74 -30.71
C LEU A 182 16.02 -15.30 -32.13
N ARG A 183 16.24 -16.60 -32.30
CA ARG A 183 16.13 -17.14 -33.66
C ARG A 183 14.81 -17.01 -34.33
N VAL A 184 13.72 -17.07 -33.58
CA VAL A 184 12.41 -17.04 -34.22
C VAL A 184 12.15 -15.66 -34.74
N LEU A 185 12.91 -14.70 -34.22
CA LEU A 185 12.77 -13.31 -34.71
C LEU A 185 13.73 -12.95 -35.84
N GLY A 186 14.56 -13.88 -36.28
CA GLY A 186 15.48 -13.66 -37.40
C GLY A 186 16.83 -13.23 -36.90
N PHE A 187 17.06 -13.23 -35.61
CA PHE A 187 18.39 -12.90 -35.15
C PHE A 187 19.35 -14.06 -35.49
N ASP A 188 20.44 -13.72 -36.18
CA ASP A 188 21.53 -14.67 -36.51
C ASP A 188 22.90 -14.15 -36.02
N GLY A 189 22.93 -13.19 -35.09
CA GLY A 189 24.17 -12.66 -34.59
C GLY A 189 24.99 -13.65 -33.79
N ASP A 190 25.77 -13.15 -32.86
CA ASP A 190 26.72 -13.99 -32.11
C ASP A 190 26.22 -14.38 -30.72
N PHE A 191 25.80 -15.63 -30.56
CA PHE A 191 25.10 -16.03 -29.34
C PHE A 191 25.97 -16.19 -28.17
N ALA A 192 27.25 -16.42 -28.36
CA ALA A 192 28.16 -16.42 -27.21
C ALA A 192 28.33 -15.02 -26.63
N GLU A 193 28.61 -14.08 -27.51
CA GLU A 193 28.67 -12.68 -27.08
C GLU A 193 27.37 -12.24 -26.34
N LEU A 194 26.24 -12.54 -26.97
CA LEU A 194 24.94 -12.20 -26.44
C LEU A 194 24.77 -12.82 -25.06
N ALA A 195 25.05 -14.13 -24.95
CA ALA A 195 24.95 -14.76 -23.63
C ALA A 195 25.77 -14.08 -22.67
N ALA A 196 26.97 -13.69 -23.05
CA ALA A 196 27.89 -13.16 -22.04
C ALA A 196 27.38 -11.80 -21.57
N ALA A 197 26.86 -11.00 -22.51
CA ALA A 197 26.29 -9.66 -22.15
C ALA A 197 25.15 -9.83 -21.12
N THR A 198 24.26 -10.78 -21.41
CA THR A 198 23.12 -11.02 -20.51
C THR A 198 23.65 -11.55 -19.14
N ALA A 199 24.61 -12.47 -19.16
CA ALA A 199 25.23 -12.97 -17.88
C ALA A 199 25.65 -11.81 -17.03
N SER A 200 26.35 -10.91 -17.70
CA SER A 200 26.78 -9.67 -17.09
C SER A 200 25.65 -8.78 -16.52
N ARG A 201 24.67 -8.46 -17.37
CA ARG A 201 23.53 -7.63 -16.96
C ARG A 201 22.79 -8.21 -15.76
N LEU A 202 22.67 -9.54 -15.75
CA LEU A 202 21.90 -10.23 -14.73
C LEU A 202 22.71 -10.62 -13.48
N GLY A 203 24.03 -10.52 -13.54
CA GLY A 203 24.83 -10.94 -12.37
C GLY A 203 24.88 -12.45 -12.20
N VAL A 204 25.04 -13.18 -13.28
CA VAL A 204 25.07 -14.64 -13.22
C VAL A 204 26.10 -15.22 -14.20
N ARG A 205 26.30 -16.55 -14.16
CA ARG A 205 27.22 -17.22 -15.08
C ARG A 205 26.47 -17.86 -16.24
N PRO A 206 26.95 -17.70 -17.50
CA PRO A 206 26.23 -18.30 -18.61
C PRO A 206 26.82 -19.68 -18.92
N PRO A 207 26.14 -20.46 -19.77
CA PRO A 207 26.69 -21.76 -20.21
C PRO A 207 27.87 -21.61 -21.20
N GLY A 208 27.57 -21.12 -22.41
CA GLY A 208 28.57 -21.00 -23.48
C GLY A 208 29.84 -21.84 -23.32
N ARG A 209 30.83 -21.27 -22.64
CA ARG A 209 32.27 -21.71 -22.69
C ARG A 209 33.08 -20.61 -23.38
N ALA A 210 32.85 -20.35 -24.66
CA ALA A 210 33.38 -19.10 -25.28
C ALA A 210 32.62 -17.85 -24.71
N ALA A 211 31.33 -18.07 -24.36
CA ALA A 211 30.48 -17.05 -23.73
C ALA A 211 31.04 -16.74 -22.34
N ARG A 212 31.54 -17.78 -21.65
CA ARG A 212 32.15 -17.57 -20.33
C ARG A 212 33.48 -16.77 -20.39
N HIS A 213 34.30 -17.01 -21.44
CA HIS A 213 35.54 -16.23 -21.73
C HIS A 213 35.18 -14.80 -22.11
N HIS A 214 34.26 -14.67 -23.09
CA HIS A 214 33.75 -13.37 -23.54
C HIS A 214 33.18 -12.60 -22.32
N HIS A 215 32.51 -13.34 -21.42
CA HIS A 215 31.90 -12.76 -20.20
C HIS A 215 32.97 -12.24 -19.25
N HIS A 216 34.04 -13.00 -19.05
CA HIS A 216 35.13 -12.61 -18.15
C HIS A 216 35.88 -11.31 -18.59
N HIS A 217 35.96 -11.04 -19.91
CA HIS A 217 36.45 -9.75 -20.50
C HIS A 217 36.28 -8.55 -19.58
N THR B 8 19.74 2.45 2.53
CA THR B 8 19.12 1.40 1.69
C THR B 8 19.51 1.65 0.25
N ALA B 9 19.45 0.57 -0.53
CA ALA B 9 19.65 0.63 -1.98
C ALA B 9 18.67 1.67 -2.64
N ARG B 10 17.44 1.66 -2.14
CA ARG B 10 16.39 2.55 -2.62
C ARG B 10 16.77 3.99 -2.37
N GLU B 11 17.29 4.29 -1.18
CA GLU B 11 17.78 5.64 -0.86
C GLU B 11 18.98 6.06 -1.66
N GLU B 12 19.85 5.12 -1.99
CA GLU B 12 21.01 5.48 -2.82
C GLU B 12 20.65 5.75 -4.27
N ILE B 13 19.64 5.03 -4.76
CA ILE B 13 19.13 5.34 -6.07
C ILE B 13 18.55 6.73 -6.08
N LEU B 14 17.72 7.00 -5.10
CA LEU B 14 17.04 8.28 -4.99
C LEU B 14 18.03 9.45 -4.85
N ASP B 15 19.07 9.28 -4.03
CA ASP B 15 20.05 10.33 -3.88
C ASP B 15 20.89 10.54 -5.15
N ALA B 16 21.26 9.47 -5.83
CA ALA B 16 22.04 9.60 -7.02
C ALA B 16 21.19 10.17 -8.19
N ALA B 17 19.94 9.75 -8.28
CA ALA B 17 19.03 10.33 -9.30
C ALA B 17 18.76 11.83 -9.04
N ALA B 18 18.48 12.18 -7.80
CA ALA B 18 18.28 13.60 -7.38
C ALA B 18 19.42 14.53 -7.88
N GLU B 19 20.66 14.06 -7.69
CA GLU B 19 21.84 14.79 -8.13
C GLU B 19 21.83 14.94 -9.63
N LEU B 20 21.65 13.83 -10.33
CA LEU B 20 21.76 13.84 -11.76
C LEU B 20 20.63 14.64 -12.39
N PHE B 21 19.42 14.44 -11.89
CA PHE B 21 18.29 15.13 -12.50
C PHE B 21 18.43 16.64 -12.36
N THR B 22 18.96 17.09 -11.21
CA THR B 22 19.04 18.51 -10.90
C THR B 22 20.26 19.16 -11.44
N THR B 23 21.34 18.40 -11.62
CA THR B 23 22.57 18.99 -12.10
C THR B 23 22.83 18.68 -13.56
N HIS B 24 22.24 17.63 -14.11
CA HIS B 24 22.43 17.30 -15.51
C HIS B 24 21.08 17.34 -16.26
N GLY B 25 20.00 16.93 -15.64
CA GLY B 25 18.68 17.07 -16.29
C GLY B 25 17.95 15.73 -16.23
N TYR B 26 16.64 15.76 -16.47
CA TYR B 26 15.82 14.57 -16.29
C TYR B 26 15.85 13.75 -17.53
N GLY B 27 15.42 14.32 -18.64
CA GLY B 27 15.36 13.57 -19.93
C GLY B 27 16.73 13.06 -20.35
N SER B 28 17.70 13.89 -20.10
CA SER B 28 19.09 13.64 -20.34
C SER B 28 19.70 12.57 -19.53
N THR B 29 19.15 12.30 -18.34
CA THR B 29 19.74 11.31 -17.44
C THR B 29 19.13 9.92 -17.68
N SER B 30 19.93 8.96 -18.13
CA SER B 30 19.45 7.58 -18.27
C SER B 30 19.51 6.78 -16.96
N THR B 31 18.73 5.69 -16.92
CA THR B 31 18.81 4.74 -15.81
C THR B 31 20.20 4.07 -15.72
N ARG B 32 20.89 3.98 -16.87
CA ARG B 32 22.21 3.36 -16.94
C ARG B 32 23.15 4.25 -16.13
N ARG B 33 23.07 5.57 -16.34
CA ARG B 33 23.91 6.58 -15.61
C ARG B 33 23.61 6.52 -14.15
N ILE B 34 22.34 6.40 -13.76
CA ILE B 34 22.01 6.31 -12.34
C ILE B 34 22.61 5.05 -11.70
N ALA B 35 22.43 3.90 -12.35
CA ALA B 35 22.93 2.65 -11.83
C ALA B 35 24.48 2.70 -11.67
N ASP B 36 25.14 3.26 -12.68
CA ASP B 36 26.58 3.50 -12.65
C ASP B 36 26.96 4.37 -11.50
N GLU B 37 26.23 5.47 -11.24
CA GLU B 37 26.62 6.36 -10.14
C GLU B 37 26.52 5.56 -8.87
N VAL B 38 25.45 4.82 -8.69
CA VAL B 38 25.36 4.02 -7.48
C VAL B 38 26.29 2.77 -7.49
N GLY B 39 26.76 2.34 -8.66
CA GLY B 39 27.50 1.07 -8.75
C GLY B 39 26.69 -0.21 -8.57
N VAL B 40 25.52 -0.29 -9.19
CA VAL B 40 24.73 -1.53 -9.24
C VAL B 40 24.42 -1.76 -10.70
N ARG B 41 24.08 -2.99 -11.05
CA ARG B 41 23.64 -3.31 -12.39
C ARG B 41 22.34 -2.59 -12.68
N GLN B 42 22.27 -2.11 -13.89
CA GLN B 42 21.00 -1.45 -14.34
C GLN B 42 19.75 -2.29 -14.07
N ALA B 43 19.86 -3.60 -14.35
CA ALA B 43 18.76 -4.52 -14.07
C ALA B 43 18.30 -4.62 -12.61
N SER B 44 19.22 -4.50 -11.62
CA SER B 44 18.82 -4.51 -10.23
C SER B 44 18.08 -3.25 -9.83
N LEU B 45 18.35 -2.16 -10.54
CA LEU B 45 17.70 -0.92 -10.22
C LEU B 45 16.18 -1.02 -10.47
N TYR B 46 15.76 -1.84 -11.43
CA TYR B 46 14.36 -1.88 -11.79
C TYR B 46 13.52 -2.51 -10.74
N HIS B 47 14.16 -3.24 -9.81
CA HIS B 47 13.43 -3.89 -8.73
C HIS B 47 13.22 -2.97 -7.57
N HIS B 48 13.75 -1.76 -7.67
CA HIS B 48 13.45 -0.71 -6.72
C HIS B 48 12.57 0.32 -7.39
N PHE B 49 12.92 0.77 -8.58
CA PHE B 49 12.02 1.57 -9.35
C PHE B 49 12.06 1.00 -10.78
N ALA B 50 10.90 0.65 -11.32
CA ALA B 50 10.82 -0.06 -12.61
C ALA B 50 11.06 0.89 -13.77
N THR B 51 10.77 2.18 -13.54
CA THR B 51 10.97 3.19 -14.58
C THR B 51 11.58 4.48 -14.00
N LYS B 52 12.12 5.29 -14.89
CA LYS B 52 12.69 6.56 -14.47
C LYS B 52 11.60 7.41 -13.88
N ASP B 53 10.42 7.42 -14.54
CA ASP B 53 9.29 8.15 -14.00
C ASP B 53 8.97 7.77 -12.54
N ASP B 54 9.08 6.50 -12.19
CA ASP B 54 8.83 6.05 -10.83
C ASP B 54 9.85 6.72 -9.89
N ILE B 55 11.06 6.98 -10.37
CA ILE B 55 12.08 7.64 -9.50
C ILE B 55 11.71 9.09 -9.22
N LEU B 56 11.39 9.77 -10.30
CA LEU B 56 10.94 11.15 -10.26
C LEU B 56 9.73 11.30 -9.35
N ASP B 57 8.76 10.36 -9.44
CA ASP B 57 7.57 10.45 -8.64
C ASP B 57 7.87 10.48 -7.17
N ALA B 58 8.77 9.61 -6.76
CA ALA B 58 9.08 9.46 -5.36
C ALA B 58 9.84 10.72 -4.87
N LEU B 59 10.80 11.18 -5.65
CA LEU B 59 11.53 12.42 -5.32
C LEU B 59 10.58 13.59 -5.19
N LEU B 60 9.65 13.80 -6.13
CA LEU B 60 8.66 14.86 -5.98
C LEU B 60 7.73 14.69 -4.79
N ALA B 61 7.22 13.49 -4.57
CA ALA B 61 6.26 13.28 -3.47
C ALA B 61 7.01 13.65 -2.16
N GLY B 62 8.30 13.35 -2.07
CA GLY B 62 9.06 13.66 -0.85
C GLY B 62 9.21 15.15 -0.59
N THR B 63 8.90 16.00 -1.57
CA THR B 63 8.93 17.44 -1.40
C THR B 63 7.61 18.05 -0.89
N VAL B 64 6.49 17.34 -1.02
CA VAL B 64 5.15 17.88 -0.69
C VAL B 64 4.40 17.10 0.41
N ASP B 65 4.68 15.80 0.54
CA ASP B 65 3.91 14.92 1.41
C ASP B 65 3.88 15.46 2.83
N GLU B 66 5.04 15.66 3.43
CA GLU B 66 5.05 16.14 4.81
C GLU B 66 4.50 17.56 5.00
N PRO B 67 4.83 18.50 4.09
CA PRO B 67 4.24 19.79 4.26
C PRO B 67 2.71 19.76 4.10
N LEU B 68 2.22 18.90 3.22
CA LEU B 68 0.76 18.72 3.08
C LEU B 68 0.12 18.08 4.33
N GLU B 69 0.78 17.12 4.99
CA GLU B 69 0.30 16.62 6.28
C GLU B 69 0.04 17.75 7.28
N LEU B 70 1.01 18.61 7.45
CA LEU B 70 0.90 19.78 8.31
C LEU B 70 -0.21 20.73 7.89
N ALA B 71 -0.26 21.07 6.61
CA ALA B 71 -1.28 22.02 6.11
C ALA B 71 -2.64 21.51 6.43
N HIS B 72 -2.84 20.22 6.15
CA HIS B 72 -4.18 19.63 6.40
C HIS B 72 -4.56 19.68 7.88
N GLY B 73 -3.58 19.42 8.75
CA GLY B 73 -3.72 19.52 10.20
C GLY B 73 -4.06 20.93 10.63
N LEU B 74 -3.31 21.88 10.12
CA LEU B 74 -3.50 23.23 10.56
C LEU B 74 -4.86 23.73 10.14
N LEU B 75 -5.35 23.25 9.01
CA LEU B 75 -6.71 23.73 8.54
C LEU B 75 -7.82 23.31 9.48
N GLY B 76 -7.58 22.24 10.22
CA GLY B 76 -8.58 21.72 11.14
C GLY B 76 -8.54 22.37 12.52
N GLU B 77 -7.55 23.22 12.76
CA GLU B 77 -7.42 23.88 14.04
C GLU B 77 -8.35 25.10 14.03
N SER B 78 -8.69 25.60 15.21
CA SER B 78 -9.26 26.91 15.35
C SER B 78 -8.17 27.77 15.96
N GLY B 79 -8.55 28.98 16.28
CA GLY B 79 -7.55 29.95 16.68
C GLY B 79 -7.17 30.80 15.49
N PRO B 80 -6.30 31.79 15.73
CA PRO B 80 -6.08 32.77 14.68
C PRO B 80 -5.34 32.11 13.48
N ALA B 81 -5.68 32.57 12.30
CA ALA B 81 -5.02 32.10 11.05
C ALA B 81 -3.54 32.47 10.86
N ALA B 82 -3.13 33.69 11.20
CA ALA B 82 -1.71 34.10 11.02
C ALA B 82 -0.66 33.13 11.58
N PRO B 83 -0.78 32.71 12.87
CA PRO B 83 0.23 31.80 13.40
C PRO B 83 0.23 30.48 12.74
N ARG B 84 -0.90 30.13 12.12
CA ARG B 84 -0.99 28.80 11.53
C ARG B 84 -0.27 28.78 10.14
N LEU B 85 -0.54 29.81 9.36
CA LEU B 85 0.04 29.96 8.06
C LEU B 85 1.53 30.14 8.29
N HIS B 86 1.86 30.95 9.30
CA HIS B 86 3.27 31.14 9.60
C HIS B 86 4.01 29.82 9.83
N ALA B 87 3.44 28.96 10.65
CA ALA B 87 4.07 27.73 10.97
C ALA B 87 4.28 26.87 9.69
N LEU B 88 3.26 26.87 8.83
CA LEU B 88 3.33 26.08 7.61
C LEU B 88 4.49 26.59 6.74
N VAL B 89 4.55 27.91 6.62
CA VAL B 89 5.53 28.64 5.76
C VAL B 89 6.95 28.30 6.27
N ILE B 90 7.16 28.40 7.59
CA ILE B 90 8.48 28.03 8.13
C ILE B 90 8.81 26.58 7.90
N TYR B 91 7.87 25.69 8.25
CA TYR B 91 8.12 24.28 8.03
C TYR B 91 8.46 23.98 6.57
N ASP B 92 7.67 24.55 5.69
CA ASP B 92 7.74 24.17 4.31
C ASP B 92 8.98 24.80 3.66
N ALA B 93 9.18 26.11 3.86
CA ALA B 93 10.37 26.76 3.31
C ALA B 93 11.66 26.08 3.88
N SER B 94 11.62 25.69 5.16
CA SER B 94 12.83 25.00 5.72
C SER B 94 13.15 23.69 5.06
N GLN B 95 12.12 22.91 4.83
CA GLN B 95 12.32 21.65 4.13
C GLN B 95 12.86 21.84 2.71
N LEU B 96 12.27 22.78 1.91
CA LEU B 96 12.84 23.05 0.55
C LEU B 96 14.29 23.59 0.65
N CYS B 97 14.54 24.50 1.56
CA CYS B 97 15.92 25.01 1.82
C CYS B 97 16.90 23.95 2.27
N ALA B 98 16.45 23.07 3.17
CA ALA B 98 17.30 22.03 3.74
C ALA B 98 17.50 20.86 2.82
N GLY B 99 16.69 20.66 1.80
CA GLY B 99 16.93 19.55 0.89
C GLY B 99 18.35 19.49 0.36
N ARG B 100 18.97 18.29 0.32
CA ARG B 100 20.33 18.15 -0.25
C ARG B 100 20.39 18.59 -1.72
N TRP B 101 19.32 18.37 -2.47
CA TRP B 101 19.30 18.78 -3.88
C TRP B 101 18.08 19.64 -4.07
N ASN B 102 18.14 20.52 -5.04
CA ASN B 102 17.05 21.47 -5.19
C ASN B 102 15.95 20.83 -6.02
N LEU B 103 15.29 19.86 -5.43
CA LEU B 103 14.37 19.03 -6.18
C LEU B 103 13.17 19.83 -6.74
N GLY B 104 12.80 20.93 -6.12
CA GLY B 104 11.68 21.73 -6.59
C GLY B 104 11.89 22.36 -7.95
N ALA B 105 13.14 22.39 -8.42
CA ALA B 105 13.42 22.93 -9.71
C ALA B 105 12.79 22.03 -10.78
N LEU B 106 12.60 20.78 -10.45
CA LEU B 106 11.99 19.85 -11.42
C LEU B 106 10.50 20.06 -11.61
N TYR B 107 9.88 20.94 -10.83
CA TYR B 107 8.48 21.19 -10.94
C TYR B 107 8.10 21.76 -12.27
N LEU B 108 9.02 22.37 -12.96
CA LEU B 108 8.69 23.01 -14.22
C LEU B 108 8.97 22.09 -15.39
N LEU B 109 9.35 20.84 -15.12
CA LEU B 109 9.60 19.94 -16.25
C LEU B 109 8.31 19.76 -17.04
N PRO B 110 8.38 19.86 -18.39
CA PRO B 110 7.18 19.56 -19.17
C PRO B 110 6.77 18.12 -19.02
N GLU B 111 7.69 17.25 -18.64
CA GLU B 111 7.29 15.84 -18.32
C GLU B 111 6.19 15.78 -17.25
N LEU B 112 6.17 16.74 -16.34
CA LEU B 112 5.20 16.72 -15.27
C LEU B 112 3.81 17.00 -15.74
N ARG B 113 3.71 17.53 -16.95
CA ARG B 113 2.44 17.92 -17.49
C ARG B 113 1.62 16.73 -18.00
N THR B 114 2.14 15.52 -17.96
CA THR B 114 1.44 14.34 -18.48
C THR B 114 0.67 13.57 -17.43
N ASP B 115 -0.22 12.71 -17.94
CA ASP B 115 -1.11 11.94 -17.11
C ASP B 115 -0.39 11.13 -16.12
N ARG B 116 0.81 10.70 -16.49
CA ARG B 116 1.64 9.89 -15.57
C ARG B 116 1.85 10.67 -14.27
N PHE B 117 1.91 11.98 -14.32
CA PHE B 117 2.19 12.77 -13.10
C PHE B 117 1.03 13.58 -12.55
N ALA B 118 -0.18 13.29 -13.05
CA ALA B 118 -1.41 13.86 -12.51
C ALA B 118 -1.53 13.73 -11.00
N PRO B 119 -1.29 12.55 -10.46
CA PRO B 119 -1.41 12.47 -9.00
C PRO B 119 -0.53 13.45 -8.19
N PHE B 120 0.71 13.60 -8.63
CA PHE B 120 1.60 14.54 -7.98
C PHE B 120 1.05 15.97 -8.15
N ARG B 121 0.64 16.34 -9.35
CA ARG B 121 0.14 17.69 -9.56
C ARG B 121 -1.08 17.98 -8.69
N ARG B 122 -1.91 16.98 -8.50
CA ARG B 122 -3.07 17.15 -7.66
C ARG B 122 -2.66 17.35 -6.21
N ARG B 123 -1.67 16.59 -5.71
CA ARG B 123 -1.19 16.85 -4.38
C ARG B 123 -0.58 18.22 -4.16
N ARG B 124 0.25 18.65 -5.10
CA ARG B 124 0.86 19.97 -4.98
C ARG B 124 -0.26 21.02 -5.04
N ALA B 125 -1.26 20.77 -5.90
CA ALA B 125 -2.39 21.72 -5.98
C ALA B 125 -3.22 21.74 -4.67
N GLU B 126 -3.32 20.61 -3.97
CA GLU B 126 -4.00 20.58 -2.67
C GLU B 126 -3.12 21.36 -1.67
N LEU B 127 -1.79 21.27 -1.77
CA LEU B 127 -0.95 22.14 -0.89
C LEU B 127 -1.23 23.58 -1.19
N ARG B 128 -1.18 23.92 -2.45
CA ARG B 128 -1.55 25.28 -2.87
C ARG B 128 -2.92 25.77 -2.35
N SER B 129 -3.97 24.94 -2.43
CA SER B 129 -5.29 25.35 -1.94
C SER B 129 -5.30 25.50 -0.44
N ALA B 130 -4.57 24.63 0.26
CA ALA B 130 -4.43 24.79 1.72
C ALA B 130 -3.78 26.10 2.07
N TYR B 131 -2.70 26.44 1.38
CA TYR B 131 -2.14 27.77 1.49
C TYR B 131 -3.11 28.84 1.28
N ARG B 132 -3.85 28.75 0.19
CA ARG B 132 -4.73 29.83 -0.14
C ARG B 132 -5.85 30.02 0.94
N SER B 133 -6.40 28.90 1.44
CA SER B 133 -7.44 28.92 2.49
C SER B 133 -6.91 29.60 3.68
N LEU B 134 -5.78 29.13 4.24
CA LEU B 134 -5.16 29.88 5.34
C LEU B 134 -4.91 31.33 5.03
N ALA B 135 -4.32 31.65 3.88
CA ALA B 135 -4.02 33.06 3.53
C ALA B 135 -5.22 33.97 3.48
N ALA B 136 -6.31 33.46 2.88
CA ALA B 136 -7.56 34.21 2.74
C ALA B 136 -8.12 34.48 4.12
N ALA B 137 -7.92 33.54 5.02
CA ALA B 137 -8.31 33.77 6.40
C ALA B 137 -7.47 34.88 7.04
N VAL B 138 -6.16 34.90 6.78
CA VAL B 138 -5.32 35.95 7.36
C VAL B 138 -5.75 37.30 6.81
N ILE B 139 -5.92 37.37 5.49
CA ILE B 139 -6.40 38.57 4.85
C ILE B 139 -7.65 39.13 5.56
N ALA B 140 -8.65 38.28 5.77
CA ALA B 140 -9.92 38.75 6.36
C ALA B 140 -9.73 39.21 7.81
N GLU B 141 -8.96 38.50 8.62
CA GLU B 141 -8.75 38.87 10.00
C GLU B 141 -7.90 40.11 10.16
N CYS B 142 -7.20 40.55 9.11
CA CYS B 142 -6.28 41.70 9.23
CA CYS B 142 -6.27 41.69 9.23
C CYS B 142 -6.71 42.88 8.35
N GLY B 143 -7.75 42.69 7.55
CA GLY B 143 -8.17 43.71 6.64
C GLY B 143 -7.26 43.94 5.43
N GLY B 144 -6.65 42.88 4.89
CA GLY B 144 -5.71 43.04 3.78
C GLY B 144 -6.29 42.96 2.38
N PRO B 145 -5.41 42.85 1.38
CA PRO B 145 -5.79 42.72 -0.01
C PRO B 145 -6.30 41.35 -0.35
N PRO B 146 -7.56 41.26 -0.77
CA PRO B 146 -8.18 39.97 -1.07
C PRO B 146 -7.45 39.14 -2.15
N GLU B 147 -6.83 39.81 -3.09
CA GLU B 147 -6.26 39.11 -4.21
C GLU B 147 -4.80 38.66 -3.90
N ALA B 148 -4.33 38.86 -2.68
CA ALA B 148 -2.96 38.41 -2.30
C ALA B 148 -2.84 36.95 -1.84
N ASP B 149 -3.90 36.18 -1.98
CA ASP B 149 -3.98 34.90 -1.29
C ASP B 149 -3.16 33.81 -1.87
N ASP B 150 -2.64 33.97 -3.09
CA ASP B 150 -1.71 32.95 -3.61
C ASP B 150 -0.24 33.25 -3.24
N LEU B 151 0.04 34.44 -2.73
CA LEU B 151 1.40 34.91 -2.66
C LEU B 151 2.23 34.19 -1.62
N PRO B 152 1.61 33.74 -0.51
CA PRO B 152 2.45 33.11 0.50
C PRO B 152 3.00 31.85 -0.04
N PHE B 153 2.21 31.12 -0.79
CA PHE B 153 2.68 29.89 -1.48
C PHE B 153 3.77 30.21 -2.44
N ARG B 154 3.59 31.28 -3.20
CA ARG B 154 4.61 31.63 -4.21
C ARG B 154 5.96 32.01 -3.51
N LEU B 155 5.89 32.70 -2.39
CA LEU B 155 7.08 33.05 -1.60
C LEU B 155 7.78 31.81 -1.06
N VAL B 156 7.05 30.80 -0.60
CA VAL B 156 7.66 29.52 -0.16
C VAL B 156 8.41 28.89 -1.32
N GLU B 157 7.77 28.83 -2.49
CA GLU B 157 8.36 28.10 -3.58
C GLU B 157 9.50 28.91 -4.16
N SER B 158 9.59 30.22 -3.85
CA SER B 158 10.67 31.02 -4.41
C SER B 158 12.00 30.62 -3.80
N VAL B 159 12.02 29.87 -2.69
CA VAL B 159 13.37 29.42 -2.20
C VAL B 159 14.04 28.51 -3.24
N ILE B 160 13.24 27.85 -4.07
CA ILE B 160 13.76 26.98 -5.12
C ILE B 160 14.58 27.85 -6.10
N ASN B 161 14.04 29.01 -6.47
CA ASN B 161 14.75 29.91 -7.38
C ASN B 161 16.02 30.50 -6.71
N SER B 162 15.91 30.94 -5.47
CA SER B 162 17.10 31.35 -4.69
C SER B 162 18.22 30.33 -4.68
N ARG B 163 17.87 29.07 -4.46
CA ARG B 163 18.83 28.00 -4.49
C ARG B 163 19.47 27.82 -5.86
N SER B 164 18.70 28.01 -6.90
CA SER B 164 19.26 27.91 -8.21
C SER B 164 20.30 29.00 -8.45
N ASP B 165 20.09 30.19 -7.88
CA ASP B 165 20.94 31.31 -8.15
C ASP B 165 22.20 31.28 -7.22
N ASP B 166 22.02 30.90 -5.95
CA ASP B 166 23.01 31.11 -4.88
C ASP B 166 23.57 29.78 -4.47
N ALA B 167 24.89 29.64 -4.39
CA ALA B 167 25.42 28.32 -4.09
C ALA B 167 25.06 28.07 -2.62
N VAL B 168 25.06 29.13 -1.80
CA VAL B 168 24.65 29.01 -0.41
C VAL B 168 23.45 29.93 -0.10
N VAL B 169 22.36 29.33 0.27
CA VAL B 169 21.21 30.17 0.57
C VAL B 169 21.21 30.22 2.06
N PRO B 170 21.12 31.42 2.67
CA PRO B 170 21.14 31.49 4.14
C PRO B 170 20.14 30.54 4.78
N PRO B 171 20.47 29.92 5.93
CA PRO B 171 19.52 29.09 6.63
C PRO B 171 18.46 29.85 7.41
N GLU B 172 18.65 31.16 7.60
CA GLU B 172 17.61 32.07 8.09
C GLU B 172 16.52 32.39 7.01
N GLN B 173 16.80 31.99 5.78
CA GLN B 173 15.88 32.24 4.69
C GLN B 173 14.41 31.89 5.04
N PRO B 174 14.16 30.71 5.63
CA PRO B 174 12.72 30.42 5.88
C PRO B 174 12.00 31.47 6.69
N TRP B 175 12.70 32.08 7.68
CA TRP B 175 12.06 33.08 8.51
C TRP B 175 11.81 34.36 7.77
N VAL B 176 12.66 34.61 6.77
CA VAL B 176 12.52 35.84 5.98
C VAL B 176 11.31 35.68 5.08
N ILE B 177 11.18 34.52 4.47
CA ILE B 177 9.94 34.19 3.69
C ILE B 177 8.72 34.28 4.63
N GLY B 178 8.89 33.71 5.84
CA GLY B 178 7.91 33.80 6.91
C GLY B 178 7.34 35.18 7.09
N GLU B 179 8.21 36.18 7.23
CA GLU B 179 7.71 37.54 7.38
C GLU B 179 7.01 38.06 6.15
N GLY B 180 7.60 37.86 4.96
CA GLY B 180 6.97 38.47 3.79
C GLY B 180 5.64 37.83 3.43
N ALA B 181 5.52 36.50 3.64
CA ALA B 181 4.29 35.78 3.45
C ALA B 181 3.17 36.36 4.27
N LEU B 182 3.50 36.82 5.46
CA LEU B 182 2.48 37.48 6.30
C LEU B 182 2.31 38.97 5.94
N ARG B 183 3.42 39.69 5.64
CA ARG B 183 3.26 41.10 5.24
C ARG B 183 2.37 41.29 4.02
N VAL B 184 2.48 40.39 3.04
CA VAL B 184 1.75 40.57 1.79
C VAL B 184 0.25 40.46 1.99
N LEU B 185 -0.12 39.90 3.14
CA LEU B 185 -1.54 39.70 3.48
C LEU B 185 -2.09 40.74 4.41
N GLY B 186 -1.25 41.69 4.82
CA GLY B 186 -1.71 42.89 5.55
C GLY B 186 -1.46 42.77 7.02
N PHE B 187 -0.75 41.74 7.44
CA PHE B 187 -0.43 41.53 8.85
C PHE B 187 0.76 42.39 9.29
N ASP B 188 0.63 43.07 10.43
CA ASP B 188 1.64 43.99 10.97
C ASP B 188 1.86 43.81 12.47
N GLY B 189 1.66 42.59 13.00
CA GLY B 189 1.83 42.34 14.46
C GLY B 189 3.28 42.13 14.84
N ASP B 190 3.56 41.45 15.97
CA ASP B 190 4.95 41.31 16.46
C ASP B 190 5.58 40.00 15.96
N PHE B 191 6.57 40.18 15.08
CA PHE B 191 7.21 39.08 14.39
C PHE B 191 8.22 38.31 15.22
N ALA B 192 8.86 38.90 16.25
CA ALA B 192 9.77 38.07 17.05
C ALA B 192 8.91 37.12 17.89
N GLU B 193 7.72 37.58 18.27
CA GLU B 193 6.75 36.79 19.03
C GLU B 193 6.25 35.63 18.17
N LEU B 194 5.73 35.98 16.97
CA LEU B 194 5.28 35.03 15.98
C LEU B 194 6.37 34.02 15.79
N ALA B 195 7.57 34.47 15.51
CA ALA B 195 8.68 33.55 15.32
C ALA B 195 8.93 32.65 16.53
N ALA B 196 8.86 33.22 17.72
CA ALA B 196 9.00 32.40 18.94
C ALA B 196 7.89 31.33 19.01
N ALA B 197 6.64 31.77 18.80
CA ALA B 197 5.47 30.86 18.77
C ALA B 197 5.69 29.71 17.78
N THR B 198 6.05 30.06 16.54
CA THR B 198 6.33 29.08 15.54
C THR B 198 7.48 28.14 15.92
N ALA B 199 8.58 28.65 16.47
CA ALA B 199 9.74 27.75 16.74
C ALA B 199 9.36 26.67 17.73
N SER B 200 8.56 27.10 18.71
CA SER B 200 7.97 26.19 19.70
C SER B 200 7.00 25.17 19.08
N ARG B 201 5.95 25.64 18.37
CA ARG B 201 5.06 24.74 17.57
C ARG B 201 5.89 23.74 16.75
N LEU B 202 7.00 24.17 16.17
CA LEU B 202 7.78 23.30 15.28
C LEU B 202 8.95 22.61 16.02
N GLY B 203 9.25 23.02 17.25
CA GLY B 203 10.29 22.31 18.02
C GLY B 203 11.66 22.58 17.42
N VAL B 204 11.87 23.79 16.95
CA VAL B 204 13.15 24.08 16.31
C VAL B 204 13.73 25.24 17.07
N ARG B 205 15.07 25.36 17.00
CA ARG B 205 15.81 26.52 17.50
C ARG B 205 15.23 27.76 16.80
N PRO B 206 14.74 28.77 17.55
CA PRO B 206 14.23 30.01 16.91
C PRO B 206 15.34 30.90 16.36
N PRO B 207 14.98 32.03 15.72
CA PRO B 207 16.03 33.03 15.41
C PRO B 207 16.20 34.05 16.57
N GLN C 1 7.15 9.19 29.42
CA GLN C 1 6.26 8.27 30.19
C GLN C 1 4.99 7.92 29.34
N PRO C 2 4.94 6.69 28.74
CA PRO C 2 3.82 6.50 27.80
C PRO C 2 2.46 6.20 28.49
N ARG C 3 1.38 6.42 27.74
CA ARG C 3 0.05 5.99 28.20
C ARG C 3 0.03 4.49 28.59
N ARG C 4 0.45 3.62 27.66
CA ARG C 4 0.75 2.22 27.97
C ARG C 4 2.23 1.93 27.55
N PRO C 5 2.95 1.08 28.33
CA PRO C 5 4.36 0.79 28.00
C PRO C 5 4.47 0.04 26.67
N GLY C 6 5.50 0.31 25.88
CA GLY C 6 5.73 -0.33 24.57
C GLY C 6 4.91 0.24 23.41
N GLN C 7 3.95 1.13 23.67
CA GLN C 7 3.16 1.77 22.58
C GLN C 7 4.09 2.52 21.62
N THR C 8 3.90 2.29 20.32
CA THR C 8 4.48 3.16 19.31
C THR C 8 3.85 4.57 19.42
N ALA C 9 4.50 5.58 18.87
CA ALA C 9 3.95 6.94 18.90
C ALA C 9 2.59 7.00 18.16
N ARG C 10 2.44 6.20 17.08
CA ARG C 10 1.13 6.02 16.42
C ARG C 10 0.05 5.40 17.32
N GLU C 11 0.46 4.39 18.10
CA GLU C 11 -0.45 3.66 19.01
C GLU C 11 -0.84 4.53 20.17
N GLU C 12 0.05 5.41 20.59
CA GLU C 12 -0.24 6.34 21.68
C GLU C 12 -1.28 7.37 21.34
N ILE C 13 -1.22 7.86 20.12
CA ILE C 13 -2.19 8.82 19.62
C ILE C 13 -3.52 8.10 19.54
N LEU C 14 -3.51 6.90 18.99
CA LEU C 14 -4.77 6.18 18.70
C LEU C 14 -5.40 5.86 20.04
N ASP C 15 -4.55 5.44 21.00
CA ASP C 15 -5.02 5.18 22.35
C ASP C 15 -5.57 6.41 23.05
N ALA C 16 -4.86 7.54 23.00
CA ALA C 16 -5.42 8.75 23.55
C ALA C 16 -6.70 9.25 22.86
N ALA C 17 -6.73 9.24 21.52
CA ALA C 17 -7.93 9.67 20.78
C ALA C 17 -9.13 8.79 21.11
N ALA C 18 -8.89 7.50 21.23
CA ALA C 18 -9.94 6.56 21.58
C ALA C 18 -10.57 6.91 22.95
N GLU C 19 -9.72 7.19 23.93
CA GLU C 19 -10.22 7.56 25.23
C GLU C 19 -10.98 8.83 25.16
N LEU C 20 -10.45 9.84 24.49
CA LEU C 20 -11.10 11.12 24.45
C LEU C 20 -12.34 11.08 23.60
N PHE C 21 -12.30 10.38 22.48
CA PHE C 21 -13.54 10.40 21.64
C PHE C 21 -14.71 9.73 22.37
N THR C 22 -14.43 8.63 23.04
CA THR C 22 -15.43 7.80 23.74
C THR C 22 -15.86 8.37 25.05
N THR C 23 -15.00 9.11 25.74
CA THR C 23 -15.36 9.68 27.05
C THR C 23 -15.67 11.18 27.04
N HIS C 24 -15.19 11.95 26.08
CA HIS C 24 -15.52 13.36 25.98
C HIS C 24 -16.30 13.70 24.71
N GLY C 25 -15.99 13.05 23.59
CA GLY C 25 -16.79 13.20 22.39
C GLY C 25 -15.82 13.41 21.23
N TYR C 26 -16.28 13.17 20.02
CA TYR C 26 -15.48 13.36 18.82
C TYR C 26 -15.43 14.82 18.42
N GLY C 27 -16.55 15.45 18.07
CA GLY C 27 -16.47 16.86 17.65
C GLY C 27 -15.83 17.77 18.72
N SER C 28 -15.99 17.38 19.98
CA SER C 28 -15.45 18.06 21.14
C SER C 28 -13.96 17.99 21.38
N THR C 29 -13.33 16.95 20.87
CA THR C 29 -11.93 16.72 21.09
C THR C 29 -11.18 17.33 19.88
N SER C 30 -10.28 18.28 20.17
CA SER C 30 -9.42 18.92 19.19
C SER C 30 -8.18 18.06 19.07
N THR C 31 -7.45 18.23 17.98
CA THR C 31 -6.17 17.59 17.80
C THR C 31 -5.16 18.18 18.80
N ARG C 32 -5.38 19.41 19.25
CA ARG C 32 -4.50 19.99 20.28
C ARG C 32 -4.59 19.15 21.59
N ARG C 33 -5.83 18.81 22.00
CA ARG C 33 -6.01 17.97 23.24
C ARG C 33 -5.42 16.63 23.12
N ILE C 34 -5.64 15.98 21.98
CA ILE C 34 -4.93 14.71 21.72
C ILE C 34 -3.41 14.81 21.88
N ALA C 35 -2.81 15.77 21.19
CA ALA C 35 -1.41 16.01 21.29
C ALA C 35 -0.98 16.33 22.77
N ASP C 36 -1.73 17.19 23.43
CA ASP C 36 -1.48 17.41 24.84
C ASP C 36 -1.50 16.12 25.63
N GLU C 37 -2.49 15.24 25.40
CA GLU C 37 -2.58 14.02 26.20
C GLU C 37 -1.41 13.14 25.97
N VAL C 38 -0.86 13.07 24.75
CA VAL C 38 0.31 12.17 24.51
C VAL C 38 1.69 12.84 24.72
N GLY C 39 1.68 14.14 25.03
CA GLY C 39 2.89 14.92 25.24
C GLY C 39 3.70 15.13 24.00
N VAL C 40 3.03 15.41 22.87
CA VAL C 40 3.78 15.80 21.66
C VAL C 40 3.30 17.13 21.17
N ARG C 41 4.10 17.74 20.28
CA ARG C 41 3.64 18.98 19.65
C ARG C 41 2.48 18.65 18.70
N GLN C 42 1.54 19.55 18.65
CA GLN C 42 0.41 19.34 17.75
C GLN C 42 0.91 19.10 16.32
N ALA C 43 1.77 19.98 15.80
CA ALA C 43 2.38 19.77 14.47
C ALA C 43 3.03 18.41 14.20
N SER C 44 3.56 17.72 15.23
CA SER C 44 4.22 16.45 15.01
C SER C 44 3.20 15.36 14.83
N LEU C 45 2.11 15.48 15.56
CA LEU C 45 0.97 14.58 15.37
C LEU C 45 0.50 14.40 13.89
N TYR C 46 0.52 15.50 13.12
CA TYR C 46 -0.02 15.48 11.75
C TYR C 46 0.74 14.55 10.85
N HIS C 47 1.99 14.21 11.22
CA HIS C 47 2.81 13.30 10.44
C HIS C 47 2.47 11.88 10.72
N HIS C 48 1.65 11.61 11.71
CA HIS C 48 1.12 10.26 11.84
C HIS C 48 -0.34 10.25 11.32
N PHE C 49 -1.12 11.28 11.62
CA PHE C 49 -2.53 11.39 11.16
C PHE C 49 -2.73 12.85 10.80
N ALA C 50 -2.85 13.14 9.51
CA ALA C 50 -2.98 14.53 9.03
C ALA C 50 -4.24 15.23 9.54
N THR C 51 -5.29 14.44 9.77
CA THR C 51 -6.53 15.05 10.26
C THR C 51 -7.11 14.19 11.35
N LYS C 52 -7.96 14.82 12.11
CA LYS C 52 -8.78 14.12 13.09
C LYS C 52 -9.56 13.00 12.44
N ASP C 53 -10.17 13.25 11.25
CA ASP C 53 -10.96 12.21 10.57
C ASP C 53 -10.07 10.96 10.28
N ASP C 54 -8.80 11.18 9.95
CA ASP C 54 -7.88 10.04 9.72
C ASP C 54 -7.67 9.21 11.01
N ILE C 55 -7.68 9.87 12.16
CA ILE C 55 -7.60 9.13 13.45
C ILE C 55 -8.84 8.25 13.62
N LEU C 56 -10.01 8.88 13.55
CA LEU C 56 -11.29 8.12 13.59
C LEU C 56 -11.31 6.97 12.63
N ASP C 57 -10.90 7.20 11.39
CA ASP C 57 -10.89 6.13 10.41
C ASP C 57 -10.11 4.92 10.84
N ALA C 58 -8.92 5.16 11.37
CA ALA C 58 -8.12 4.04 11.86
C ALA C 58 -8.76 3.39 13.04
N LEU C 59 -9.26 4.17 14.00
CA LEU C 59 -9.96 3.54 15.10
C LEU C 59 -11.11 2.65 14.63
N LEU C 60 -11.99 3.17 13.72
CA LEU C 60 -13.14 2.41 13.24
C LEU C 60 -12.76 1.09 12.48
N ALA C 61 -11.79 1.17 11.56
CA ALA C 61 -11.30 0.01 10.78
C ALA C 61 -10.82 -1.09 11.69
N GLY C 62 -10.17 -0.71 12.79
CA GLY C 62 -9.70 -1.64 13.81
C GLY C 62 -10.78 -2.40 14.55
N THR C 63 -12.04 -2.03 14.37
CA THR C 63 -13.16 -2.68 15.03
C THR C 63 -13.82 -3.66 14.09
N VAL C 64 -13.54 -3.57 12.79
CA VAL C 64 -14.15 -4.42 11.79
C VAL C 64 -13.20 -5.29 10.92
N ASP C 65 -11.97 -4.89 10.69
CA ASP C 65 -11.14 -5.51 9.67
C ASP C 65 -10.92 -6.97 10.00
N GLU C 66 -10.59 -7.31 11.25
CA GLU C 66 -10.35 -8.70 11.59
C GLU C 66 -11.59 -9.55 11.64
N PRO C 67 -12.69 -9.08 12.31
CA PRO C 67 -13.96 -9.75 12.14
C PRO C 67 -14.34 -10.02 10.67
N LEU C 68 -14.01 -9.10 9.80
CA LEU C 68 -14.42 -9.23 8.43
C LEU C 68 -13.54 -10.24 7.74
N GLU C 69 -12.26 -10.33 8.15
CA GLU C 69 -11.34 -11.33 7.56
C GLU C 69 -11.80 -12.74 7.88
N LEU C 70 -12.22 -12.93 9.12
CA LEU C 70 -12.82 -14.20 9.56
C LEU C 70 -14.12 -14.47 8.83
N ALA C 71 -14.95 -13.47 8.66
CA ALA C 71 -16.28 -13.70 8.10
C ALA C 71 -16.19 -14.15 6.65
N HIS C 72 -15.27 -13.51 5.95
CA HIS C 72 -15.00 -13.82 4.56
C HIS C 72 -14.46 -15.27 4.41
N GLY C 73 -13.58 -15.68 5.31
CA GLY C 73 -13.06 -17.06 5.29
C GLY C 73 -14.16 -18.08 5.48
N LEU C 74 -15.00 -17.77 6.47
CA LEU C 74 -16.08 -18.63 6.88
C LEU C 74 -17.10 -18.77 5.79
N LEU C 75 -17.33 -17.74 5.01
CA LEU C 75 -18.35 -17.87 3.94
C LEU C 75 -17.82 -18.82 2.86
N GLY C 76 -16.51 -18.98 2.77
CA GLY C 76 -15.96 -19.89 1.75
C GLY C 76 -15.92 -21.36 2.20
N GLU C 77 -16.21 -21.62 3.47
CA GLU C 77 -16.15 -22.96 3.96
C GLU C 77 -17.37 -23.76 3.55
N SER C 78 -17.23 -25.10 3.59
CA SER C 78 -18.33 -26.04 3.40
C SER C 78 -18.66 -26.50 4.79
N GLY C 79 -19.78 -27.20 4.89
CA GLY C 79 -20.21 -27.77 6.17
C GLY C 79 -21.22 -26.90 6.90
N PRO C 80 -21.59 -27.34 8.11
CA PRO C 80 -22.77 -26.76 8.77
C PRO C 80 -22.60 -25.26 9.09
N ALA C 81 -23.60 -24.48 8.79
CA ALA C 81 -23.57 -23.06 9.07
C ALA C 81 -23.46 -22.67 10.56
N ALA C 82 -24.08 -23.44 11.43
CA ALA C 82 -24.28 -23.01 12.79
C ALA C 82 -22.99 -22.76 13.50
N PRO C 83 -22.06 -23.75 13.45
CA PRO C 83 -20.77 -23.56 14.05
C PRO C 83 -19.99 -22.41 13.43
N ARG C 84 -20.28 -22.12 12.17
CA ARG C 84 -19.53 -21.10 11.51
C ARG C 84 -19.99 -19.73 12.02
N LEU C 85 -21.28 -19.56 12.09
CA LEU C 85 -21.84 -18.32 12.57
C LEU C 85 -21.46 -18.14 13.99
N HIS C 86 -21.55 -19.22 14.73
CA HIS C 86 -21.16 -19.20 16.12
C HIS C 86 -19.74 -18.79 16.31
N ALA C 87 -18.85 -19.27 15.47
CA ALA C 87 -17.46 -18.90 15.62
C ALA C 87 -17.28 -17.42 15.37
N LEU C 88 -18.02 -16.93 14.40
CA LEU C 88 -17.88 -15.54 14.08
C LEU C 88 -18.36 -14.68 15.29
N VAL C 89 -19.52 -15.02 15.79
CA VAL C 89 -20.17 -14.24 16.88
C VAL C 89 -19.19 -14.22 18.06
N ILE C 90 -18.63 -15.37 18.44
CA ILE C 90 -17.66 -15.39 19.57
C ILE C 90 -16.48 -14.52 19.30
N TYR C 91 -15.90 -14.57 18.11
CA TYR C 91 -14.70 -13.84 17.87
C TYR C 91 -14.94 -12.36 17.90
N ASP C 92 -16.02 -11.99 17.26
CA ASP C 92 -16.33 -10.58 17.07
C ASP C 92 -16.79 -9.98 18.40
N ALA C 93 -17.71 -10.66 19.11
CA ALA C 93 -18.16 -10.13 20.43
C ALA C 93 -16.97 -10.09 21.40
N SER C 94 -16.06 -11.07 21.29
CA SER C 94 -14.91 -11.07 22.21
C SER C 94 -14.06 -9.87 22.02
N GLN C 95 -13.79 -9.53 20.75
CA GLN C 95 -13.00 -8.31 20.43
C GLN C 95 -13.70 -7.03 20.88
N LEU C 96 -15.00 -6.89 20.62
CA LEU C 96 -15.74 -5.68 21.12
C LEU C 96 -15.75 -5.63 22.66
N CYS C 97 -15.95 -6.74 23.34
CA CYS C 97 -15.88 -6.70 24.84
C CYS C 97 -14.48 -6.44 25.34
N ALA C 98 -13.45 -6.98 24.68
CA ALA C 98 -12.08 -6.92 25.16
C ALA C 98 -11.37 -5.61 24.79
N GLY C 99 -11.92 -4.84 23.87
CA GLY C 99 -11.38 -3.56 23.54
C GLY C 99 -11.18 -2.69 24.79
N ARG C 100 -10.02 -2.05 24.84
CA ARG C 100 -9.70 -1.20 25.94
C ARG C 100 -10.72 -0.07 26.02
N TRP C 101 -11.15 0.47 24.88
CA TRP C 101 -12.15 1.52 24.89
C TRP C 101 -13.41 1.05 24.08
N ASN C 102 -14.51 1.70 24.28
CA ASN C 102 -15.73 1.14 23.72
C ASN C 102 -15.96 1.81 22.36
N LEU C 103 -15.04 1.54 21.47
CA LEU C 103 -15.01 2.27 20.18
C LEU C 103 -16.29 2.17 19.34
N GLY C 104 -16.99 1.06 19.48
CA GLY C 104 -18.18 0.82 18.68
C GLY C 104 -19.20 1.88 18.95
N ALA C 105 -19.04 2.52 20.09
CA ALA C 105 -19.98 3.59 20.44
C ALA C 105 -19.95 4.75 19.45
N LEU C 106 -18.85 4.85 18.73
CA LEU C 106 -18.74 5.94 17.75
C LEU C 106 -19.52 5.71 16.42
N TYR C 107 -19.99 4.48 16.21
CA TYR C 107 -20.72 4.12 15.00
C TYR C 107 -21.86 5.07 14.75
N LEU C 108 -22.46 5.58 15.80
CA LEU C 108 -23.62 6.42 15.66
C LEU C 108 -23.29 7.90 15.58
N LEU C 109 -22.00 8.26 15.57
CA LEU C 109 -21.67 9.66 15.37
C LEU C 109 -22.30 10.14 14.07
N PRO C 110 -22.86 11.33 14.09
CA PRO C 110 -23.40 11.85 12.82
C PRO C 110 -22.32 12.13 11.78
N GLU C 111 -21.10 12.36 12.22
CA GLU C 111 -19.97 12.49 11.27
C GLU C 111 -19.77 11.29 10.33
N LEU C 112 -20.15 10.10 10.80
CA LEU C 112 -20.00 8.92 9.99
C LEU C 112 -21.02 8.88 8.85
N ARG C 113 -22.03 9.77 8.92
CA ARG C 113 -23.04 9.86 7.85
C ARG C 113 -22.49 10.57 6.57
N THR C 114 -21.27 11.13 6.63
CA THR C 114 -20.72 11.95 5.52
C THR C 114 -20.00 11.11 4.52
N ASP C 115 -19.74 11.70 3.37
CA ASP C 115 -19.07 10.99 2.32
C ASP C 115 -17.67 10.58 2.71
N ARG C 116 -17.02 11.38 3.54
CA ARG C 116 -15.71 11.05 4.08
C ARG C 116 -15.66 9.63 4.64
N PHE C 117 -16.72 9.21 5.29
CA PHE C 117 -16.70 7.89 5.96
C PHE C 117 -17.45 6.80 5.21
N ALA C 118 -17.69 7.01 3.89
CA ALA C 118 -18.43 6.01 3.07
C ALA C 118 -17.67 4.73 2.99
N PRO C 119 -16.33 4.78 2.96
CA PRO C 119 -15.62 3.46 2.90
C PRO C 119 -15.78 2.59 4.15
N PHE C 120 -15.71 3.23 5.29
CA PHE C 120 -15.96 2.49 6.52
C PHE C 120 -17.38 1.93 6.52
N ARG C 121 -18.37 2.77 6.24
CA ARG C 121 -19.75 2.30 6.17
C ARG C 121 -19.93 1.09 5.30
N ARG C 122 -19.29 1.13 4.14
CA ARG C 122 -19.26 -0.02 3.27
C ARG C 122 -18.70 -1.26 3.92
N ARG C 123 -17.59 -1.13 4.65
CA ARG C 123 -16.96 -2.30 5.20
C ARG C 123 -17.82 -2.85 6.33
N ARG C 124 -18.40 -1.95 7.11
CA ARG C 124 -19.27 -2.43 8.17
C ARG C 124 -20.54 -3.07 7.56
N ALA C 125 -21.12 -2.48 6.52
CA ALA C 125 -22.23 -3.13 5.83
C ALA C 125 -21.84 -4.53 5.24
N GLU C 126 -20.62 -4.69 4.73
CA GLU C 126 -20.18 -6.01 4.27
C GLU C 126 -20.06 -7.03 5.44
N LEU C 127 -19.70 -6.55 6.62
CA LEU C 127 -19.70 -7.44 7.78
C LEU C 127 -21.14 -7.86 8.08
N ARG C 128 -22.03 -6.91 8.08
CA ARG C 128 -23.47 -7.15 8.34
C ARG C 128 -24.04 -8.15 7.32
N SER C 129 -23.65 -7.95 6.09
CA SER C 129 -24.13 -8.81 5.05
C SER C 129 -23.52 -10.22 5.13
N ALA C 130 -22.27 -10.38 5.56
CA ALA C 130 -21.73 -11.71 5.83
C ALA C 130 -22.46 -12.36 7.03
N TYR C 131 -22.73 -11.61 8.09
CA TYR C 131 -23.53 -12.17 9.19
C TYR C 131 -24.85 -12.75 8.64
N ARG C 132 -25.50 -11.96 7.81
CA ARG C 132 -26.83 -12.27 7.37
C ARG C 132 -26.84 -13.56 6.50
N SER C 133 -25.88 -13.71 5.57
CA SER C 133 -25.73 -14.99 4.81
C SER C 133 -25.53 -16.17 5.67
N LEU C 134 -24.62 -16.08 6.64
CA LEU C 134 -24.44 -17.23 7.49
C LEU C 134 -25.68 -17.52 8.31
N ALA C 135 -26.32 -16.47 8.83
CA ALA C 135 -27.52 -16.65 9.60
C ALA C 135 -28.63 -17.22 8.72
N ALA C 136 -28.78 -16.78 7.48
CA ALA C 136 -29.88 -17.32 6.68
C ALA C 136 -29.65 -18.84 6.50
N ALA C 137 -28.40 -19.26 6.38
CA ALA C 137 -28.15 -20.68 6.18
C ALA C 137 -28.54 -21.42 7.45
N VAL C 138 -28.22 -20.82 8.61
CA VAL C 138 -28.49 -21.47 9.92
C VAL C 138 -29.98 -21.70 10.02
N ILE C 139 -30.73 -20.65 9.68
CA ILE C 139 -32.17 -20.68 9.73
C ILE C 139 -32.69 -21.82 8.83
N ALA C 140 -32.41 -21.79 7.53
CA ALA C 140 -32.86 -22.87 6.61
C ALA C 140 -32.45 -24.28 7.12
N GLU C 141 -31.22 -24.46 7.58
CA GLU C 141 -30.79 -25.71 8.21
C GLU C 141 -31.62 -26.17 9.41
N CYS C 142 -32.04 -25.27 10.31
CA CYS C 142 -32.76 -25.61 11.54
CA CYS C 142 -32.75 -25.68 11.52
C CYS C 142 -34.27 -25.43 11.41
N GLY C 143 -34.75 -25.05 10.24
CA GLY C 143 -36.17 -24.79 10.01
C GLY C 143 -36.64 -23.60 10.82
N GLY C 144 -35.82 -22.55 10.91
CA GLY C 144 -36.11 -21.39 11.80
C GLY C 144 -36.96 -20.30 11.20
N PRO C 145 -37.12 -19.19 11.95
CA PRO C 145 -37.79 -18.01 11.41
C PRO C 145 -36.95 -17.22 10.36
N PRO C 146 -37.33 -17.26 9.05
CA PRO C 146 -36.56 -16.58 8.01
C PRO C 146 -36.29 -15.10 8.27
N GLU C 147 -37.16 -14.40 8.98
CA GLU C 147 -36.94 -12.97 9.13
C GLU C 147 -36.02 -12.59 10.30
N ALA C 148 -35.41 -13.55 10.98
CA ALA C 148 -34.42 -13.29 12.04
C ALA C 148 -33.01 -13.07 11.58
N ASP C 149 -32.77 -13.09 10.28
CA ASP C 149 -31.36 -13.22 9.83
C ASP C 149 -30.44 -11.97 10.09
N ASP C 150 -31.00 -10.80 10.36
CA ASP C 150 -30.21 -9.62 10.85
C ASP C 150 -29.88 -9.68 12.34
N LEU C 151 -30.50 -10.56 13.13
CA LEU C 151 -30.47 -10.36 14.55
C LEU C 151 -29.14 -10.78 15.19
N PRO C 152 -28.42 -11.74 14.61
CA PRO C 152 -27.16 -12.13 15.24
C PRO C 152 -26.15 -11.01 15.24
N PHE C 153 -26.20 -10.23 14.16
CA PHE C 153 -25.36 -9.06 14.04
C PHE C 153 -25.74 -8.04 15.08
N ARG C 154 -27.04 -7.79 15.24
CA ARG C 154 -27.51 -6.81 16.25
C ARG C 154 -27.16 -7.26 17.68
N LEU C 155 -27.15 -8.57 17.94
CA LEU C 155 -26.78 -9.09 19.26
C LEU C 155 -25.33 -8.87 19.58
N VAL C 156 -24.49 -9.07 18.58
CA VAL C 156 -23.05 -8.84 18.68
C VAL C 156 -22.81 -7.37 18.95
N GLU C 157 -23.43 -6.48 18.18
CA GLU C 157 -23.23 -5.03 18.36
C GLU C 157 -23.82 -4.53 19.67
N SER C 158 -24.70 -5.30 20.28
CA SER C 158 -25.35 -4.92 21.57
C SER C 158 -24.34 -4.85 22.69
N VAL C 159 -23.20 -5.51 22.54
CA VAL C 159 -22.20 -5.42 23.60
C VAL C 159 -21.71 -3.99 23.76
N ILE C 160 -21.78 -3.19 22.68
CA ILE C 160 -21.39 -1.79 22.73
C ILE C 160 -22.29 -1.08 23.77
N ASN C 161 -23.60 -1.38 23.71
CA ASN C 161 -24.56 -0.74 24.60
C ASN C 161 -24.34 -1.20 26.03
N SER C 162 -24.03 -2.45 26.23
CA SER C 162 -23.89 -2.98 27.55
C SER C 162 -22.63 -2.40 28.20
N ARG C 163 -21.58 -2.29 27.42
CA ARG C 163 -20.43 -1.56 27.87
C ARG C 163 -20.73 -0.13 28.25
N SER C 164 -21.57 0.55 27.51
CA SER C 164 -21.87 1.89 27.85
C SER C 164 -22.62 1.93 29.18
N ASP C 165 -23.48 0.96 29.45
CA ASP C 165 -24.29 0.99 30.70
C ASP C 165 -23.52 0.54 31.90
N ASP C 166 -22.69 -0.48 31.70
CA ASP C 166 -22.16 -1.25 32.82
C ASP C 166 -20.68 -0.96 33.05
N ALA C 167 -20.28 -0.92 34.30
CA ALA C 167 -18.88 -0.69 34.62
C ALA C 167 -18.08 -1.95 34.23
N VAL C 168 -18.62 -3.15 34.51
CA VAL C 168 -17.88 -4.42 34.37
C VAL C 168 -18.05 -5.15 33.00
N VAL C 169 -19.21 -5.67 32.66
CA VAL C 169 -19.27 -6.67 31.53
C VAL C 169 -18.96 -8.09 32.09
N PRO C 170 -19.99 -8.93 32.15
CA PRO C 170 -19.72 -10.06 33.01
C PRO C 170 -18.74 -11.01 32.31
N PRO C 171 -18.11 -11.92 33.07
CA PRO C 171 -16.96 -12.69 32.55
C PRO C 171 -17.09 -13.10 31.03
N GLU C 172 -17.86 -14.15 30.80
CA GLU C 172 -18.02 -14.85 29.55
C GLU C 172 -19.22 -14.27 28.74
N GLN C 173 -19.36 -12.96 28.70
CA GLN C 173 -20.41 -12.35 27.91
C GLN C 173 -20.44 -12.71 26.40
N PRO C 174 -19.27 -12.92 25.78
CA PRO C 174 -19.34 -13.32 24.34
C PRO C 174 -20.12 -14.62 24.08
N TRP C 175 -19.99 -15.58 25.01
CA TRP C 175 -20.65 -16.88 24.87
C TRP C 175 -22.13 -16.74 25.08
N VAL C 176 -22.47 -15.80 25.95
CA VAL C 176 -23.86 -15.51 26.20
C VAL C 176 -24.47 -14.93 24.92
N ILE C 177 -23.79 -13.99 24.33
CA ILE C 177 -24.23 -13.52 23.01
C ILE C 177 -24.27 -14.65 21.95
N GLY C 178 -23.23 -15.48 21.97
CA GLY C 178 -23.13 -16.69 21.07
C GLY C 178 -24.38 -17.54 21.10
N GLU C 179 -24.79 -17.91 22.31
CA GLU C 179 -26.01 -18.70 22.42
C GLU C 179 -27.23 -17.94 21.90
N GLY C 180 -27.37 -16.66 22.29
CA GLY C 180 -28.60 -15.97 21.92
C GLY C 180 -28.68 -15.83 20.41
N ALA C 181 -27.52 -15.57 19.80
CA ALA C 181 -27.42 -15.39 18.35
C ALA C 181 -27.91 -16.57 17.61
N LEU C 182 -27.67 -17.76 18.16
CA LEU C 182 -28.19 -18.96 17.55
C LEU C 182 -29.60 -19.30 17.92
N ARG C 183 -30.01 -19.04 19.18
CA ARG C 183 -31.44 -19.30 19.53
C ARG C 183 -32.36 -18.52 18.66
N VAL C 184 -32.00 -17.28 18.25
CA VAL C 184 -32.96 -16.45 17.49
C VAL C 184 -33.25 -16.98 16.16
N LEU C 185 -32.35 -17.83 15.71
CA LEU C 185 -32.49 -18.43 14.39
C LEU C 185 -33.19 -19.79 14.39
N GLY C 186 -33.61 -20.27 15.56
CA GLY C 186 -34.29 -21.55 15.65
C GLY C 186 -33.34 -22.69 15.90
N PHE C 187 -32.09 -22.39 16.23
CA PHE C 187 -31.20 -23.43 16.67
C PHE C 187 -31.49 -23.93 18.11
N ASP C 188 -31.70 -25.24 18.28
CA ASP C 188 -31.79 -25.84 19.63
C ASP C 188 -31.02 -27.16 19.65
N GLY C 189 -29.81 -27.16 19.09
CA GLY C 189 -28.84 -28.24 19.26
C GLY C 189 -28.17 -28.15 20.63
N ASP C 190 -26.97 -28.72 20.75
CA ASP C 190 -26.27 -28.86 22.04
C ASP C 190 -25.26 -27.77 22.07
N PHE C 191 -25.43 -26.86 23.03
CA PHE C 191 -24.62 -25.65 23.11
C PHE C 191 -23.26 -25.85 23.78
N ALA C 192 -23.08 -26.86 24.63
CA ALA C 192 -21.75 -27.04 25.23
C ALA C 192 -20.81 -27.59 24.14
N GLU C 193 -21.36 -28.45 23.30
CA GLU C 193 -20.68 -29.03 22.15
C GLU C 193 -20.28 -27.92 21.20
N LEU C 194 -21.28 -27.15 20.77
CA LEU C 194 -21.05 -26.01 19.90
C LEU C 194 -19.97 -25.14 20.54
N ALA C 195 -20.15 -24.74 21.79
CA ALA C 195 -19.10 -23.97 22.48
C ALA C 195 -17.73 -24.63 22.43
N ALA C 196 -17.64 -25.93 22.66
CA ALA C 196 -16.31 -26.57 22.66
C ALA C 196 -15.71 -26.55 21.22
N ALA C 197 -16.56 -26.72 20.22
CA ALA C 197 -16.09 -26.72 18.83
C ALA C 197 -15.56 -25.30 18.48
N THR C 198 -16.32 -24.25 18.83
CA THR C 198 -15.83 -22.88 18.61
C THR C 198 -14.55 -22.56 19.37
N ALA C 199 -14.43 -23.04 20.57
CA ALA C 199 -13.26 -22.65 21.37
C ALA C 199 -11.99 -23.16 20.71
N SER C 200 -12.07 -24.36 20.19
CA SER C 200 -10.89 -24.95 19.64
C SER C 200 -10.65 -24.33 18.24
N ARG C 201 -11.70 -24.08 17.46
CA ARG C 201 -11.54 -23.28 16.18
C ARG C 201 -10.83 -21.98 16.41
N LEU C 202 -11.19 -21.28 17.49
CA LEU C 202 -10.62 -19.97 17.77
C LEU C 202 -9.39 -20.02 18.62
N GLY C 203 -9.01 -21.18 19.12
CA GLY C 203 -7.82 -21.28 20.03
C GLY C 203 -8.04 -20.58 21.38
N VAL C 204 -9.19 -20.81 21.99
CA VAL C 204 -9.47 -20.13 23.27
C VAL C 204 -10.11 -21.19 24.17
N ARG C 205 -10.34 -20.86 25.44
CA ARG C 205 -11.03 -21.77 26.37
C ARG C 205 -12.55 -21.61 26.28
N PRO C 206 -13.30 -22.73 26.28
CA PRO C 206 -14.78 -22.68 26.40
C PRO C 206 -15.21 -22.42 27.86
N PRO C 207 -16.50 -22.18 28.11
CA PRO C 207 -16.95 -22.28 29.51
C PRO C 207 -17.05 -23.74 29.98
C ACT D . 5.45 -14.89 -17.12
O ACT D . 4.36 -15.26 -16.75
OXT ACT D . 5.68 -14.92 -18.37
CH3 ACT D . 6.47 -14.43 -16.05
C ACT E . 5.97 22.88 -1.95
O ACT E . 6.16 22.41 -3.06
OXT ACT E . 5.52 24.06 -1.95
CH3 ACT E . 6.27 22.07 -0.67
C ACT F . -18.76 -5.29 14.44
O ACT F . -19.75 -6.07 14.58
OXT ACT F . -18.95 -4.09 14.21
CH3 ACT F . -17.35 -5.82 14.49
#